data_5K5O
#
_entry.id   5K5O
#
_cell.length_a   96.627
_cell.length_b   96.627
_cell.length_c   187.093
_cell.angle_alpha   90.00
_cell.angle_beta   90.00
_cell.angle_gamma   120.00
#
_symmetry.space_group_name_H-M   'P 32 1 2'
#
loop_
_entity.id
_entity.type
_entity.pdbx_description
1 polymer AspA
2 polymer 'DNA (26-MER)'
3 polymer 'DNA (26-MER)'
#
loop_
_entity_poly.entity_id
_entity_poly.type
_entity_poly.pdbx_seq_one_letter_code
_entity_poly.pdbx_strand_id
1 'polypeptide(L)'
;GKISTDKYIFLTPRAYIIVHLLKVGKAKASEISENTQIPYQTVIQNIRWLLAEGYVVKEQKGEEIYYKLTDKGKQLATAE
LEKIRKLVEVVQHHHHHH
;
A,B,C,D
2 'polydeoxyribonucleotide'
;(DA)(DG)(DT)(DT)(DC)(DG)(DT)(DG)(DA)(DC)(DA)(DT)(DT)(DG)(DT)(DC)(DA)(DC)(DG)(DA)
(DA)(DC)(DT)(DA)(DC)(DG)
;
N
3 'polydeoxyribonucleotide'
;(DC)(DG)(DT)(DA)(DG)(DT)(DT)(DC)(DG)(DT)(DG)(DA)(DC)(DA)(DA)(DT)(DG)(DT)(DC)(DA)
(DC)(DG)(DA)(DA)(DC)(DT)
;
M
#
loop_
_chem_comp.id
_chem_comp.type
_chem_comp.name
_chem_comp.formula
DA DNA linking 2'-DEOXYADENOSINE-5'-MONOPHOSPHATE 'C10 H14 N5 O6 P'
DC DNA linking 2'-DEOXYCYTIDINE-5'-MONOPHOSPHATE 'C9 H14 N3 O7 P'
DG DNA linking 2'-DEOXYGUANOSINE-5'-MONOPHOSPHATE 'C10 H14 N5 O7 P'
DT DNA linking THYMIDINE-5'-MONOPHOSPHATE 'C10 H15 N2 O8 P'
#
# COMPACT_ATOMS: atom_id res chain seq x y z
N GLY A 1 10.31 -12.50 20.87
CA GLY A 1 11.36 -12.55 21.85
C GLY A 1 12.35 -11.40 21.69
N LYS A 2 13.17 -11.28 22.68
CA LYS A 2 14.19 -10.24 22.75
C LYS A 2 15.51 -10.48 22.03
N ILE A 3 15.99 -9.53 21.19
CA ILE A 3 17.31 -9.78 20.59
C ILE A 3 18.37 -8.94 21.29
N SER A 4 19.51 -9.61 21.53
CA SER A 4 20.60 -9.01 22.26
C SER A 4 21.85 -9.81 22.18
N THR A 5 22.61 -9.60 21.17
CA THR A 5 23.80 -10.36 21.16
C THR A 5 24.87 -9.46 20.78
N ASP A 6 26.03 -9.60 21.27
CA ASP A 6 26.95 -8.74 20.62
C ASP A 6 27.95 -9.72 20.05
N LYS A 7 27.73 -10.98 20.40
CA LYS A 7 28.69 -11.96 19.92
C LYS A 7 28.37 -12.39 18.51
N TYR A 8 27.29 -13.15 18.33
CA TYR A 8 26.94 -13.69 17.02
C TYR A 8 25.89 -12.86 16.30
N ILE A 9 26.33 -11.85 15.55
CA ILE A 9 25.41 -10.98 14.82
C ILE A 9 25.17 -11.55 13.43
N PHE A 10 26.15 -11.38 12.53
CA PHE A 10 26.05 -11.93 11.19
C PHE A 10 26.37 -13.41 11.19
N LEU A 11 27.36 -13.80 11.99
CA LEU A 11 27.89 -15.16 11.97
C LEU A 11 27.35 -16.02 13.11
N THR A 12 26.89 -17.22 12.75
CA THR A 12 26.44 -18.19 13.73
C THR A 12 27.66 -18.89 14.36
N PRO A 13 27.53 -19.35 15.61
CA PRO A 13 28.62 -20.12 16.22
C PRO A 13 28.81 -21.44 15.49
N ARG A 14 27.69 -22.02 15.07
CA ARG A 14 27.65 -23.20 14.23
C ARG A 14 28.53 -23.07 12.98
N ALA A 15 28.79 -21.84 12.57
CA ALA A 15 29.59 -21.55 11.38
C ALA A 15 31.08 -21.77 11.60
N TYR A 16 31.67 -21.05 12.55
CA TYR A 16 33.09 -21.12 12.85
C TYR A 16 33.61 -22.55 12.91
N ILE A 17 32.86 -23.40 13.62
CA ILE A 17 33.16 -24.82 13.75
C ILE A 17 33.51 -25.44 12.41
N ILE A 18 32.63 -25.26 11.43
CA ILE A 18 32.81 -25.79 10.09
C ILE A 18 34.11 -25.30 9.46
N VAL A 19 34.23 -23.98 9.35
CA VAL A 19 35.38 -23.36 8.70
C VAL A 19 36.67 -23.76 9.42
N HIS A 20 36.55 -24.02 10.72
CA HIS A 20 37.68 -24.49 11.50
C HIS A 20 38.11 -25.89 11.06
N LEU A 21 37.17 -26.83 11.08
CA LEU A 21 37.47 -28.22 10.75
C LEU A 21 37.85 -28.41 9.29
N LEU A 22 37.82 -27.33 8.51
CA LEU A 22 38.12 -27.40 7.10
C LEU A 22 39.62 -27.50 6.79
N LYS A 23 40.44 -26.65 7.39
CA LYS A 23 41.87 -26.75 7.13
C LYS A 23 42.69 -27.20 8.34
N VAL A 24 42.06 -27.30 9.50
CA VAL A 24 42.70 -27.99 10.60
C VAL A 24 42.55 -29.49 10.31
N GLY A 25 41.73 -29.78 9.31
CA GLY A 25 41.49 -31.15 8.87
C GLY A 25 40.56 -31.81 9.86
N LYS A 26 41.09 -32.11 11.03
CA LYS A 26 40.33 -32.71 12.12
C LYS A 26 40.67 -31.96 13.41
N ALA A 27 39.84 -32.10 14.44
CA ALA A 27 40.09 -31.46 15.73
C ALA A 27 39.14 -31.97 16.81
N LYS A 28 39.29 -31.46 18.02
CA LYS A 28 38.30 -31.70 19.06
C LYS A 28 37.76 -30.43 19.68
N ALA A 29 36.62 -30.55 20.33
CA ALA A 29 35.94 -29.47 21.02
C ALA A 29 36.88 -28.65 21.90
N SER A 30 37.82 -29.33 22.54
CA SER A 30 38.73 -28.72 23.49
C SER A 30 39.49 -27.52 22.90
N GLU A 31 40.14 -27.71 21.76
CA GLU A 31 40.93 -26.64 21.16
C GLU A 31 40.09 -25.73 20.25
N ILE A 32 39.06 -26.29 19.63
CA ILE A 32 38.15 -25.51 18.80
C ILE A 32 37.57 -24.37 19.61
N SER A 33 37.34 -24.64 20.89
CA SER A 33 36.68 -23.69 21.77
C SER A 33 37.52 -22.45 22.08
N GLU A 34 38.81 -22.47 21.77
CA GLU A 34 39.61 -21.27 22.00
C GLU A 34 40.47 -20.87 20.80
N ASN A 35 40.52 -21.71 19.77
CA ASN A 35 40.99 -21.21 18.48
C ASN A 35 39.95 -20.27 17.90
N THR A 36 38.74 -20.78 17.78
CA THR A 36 37.65 -20.02 17.19
C THR A 36 36.87 -19.23 18.22
N GLN A 37 37.47 -18.94 19.37
CA GLN A 37 36.86 -17.96 20.27
C GLN A 37 35.58 -18.44 20.96
N ILE A 38 34.95 -19.48 20.39
CA ILE A 38 33.61 -19.91 20.78
C ILE A 38 33.59 -20.81 22.01
N PRO A 39 32.83 -20.40 23.06
CA PRO A 39 32.71 -21.08 24.36
C PRO A 39 32.47 -22.59 24.27
N TYR A 40 33.07 -23.34 25.20
CA TYR A 40 33.14 -24.79 25.11
C TYR A 40 31.81 -25.53 25.08
N GLN A 41 30.90 -25.22 26.01
CA GLN A 41 29.65 -25.96 26.01
C GLN A 41 28.63 -25.36 25.04
N THR A 42 28.95 -24.20 24.49
CA THR A 42 28.21 -23.72 23.31
C THR A 42 28.74 -24.49 22.10
N VAL A 43 29.96 -25.02 22.23
CA VAL A 43 30.55 -25.81 21.16
C VAL A 43 29.94 -27.22 21.10
N ILE A 44 30.12 -28.01 22.14
CA ILE A 44 29.78 -29.48 22.07
C ILE A 44 28.35 -29.82 21.71
N GLN A 45 27.32 -29.22 22.36
CA GLN A 45 25.94 -29.58 22.03
C GLN A 45 25.53 -29.05 20.69
N ASN A 46 26.45 -28.36 20.02
CA ASN A 46 26.22 -27.89 18.68
C ASN A 46 26.90 -28.91 17.76
N ILE A 47 28.01 -29.46 18.22
CA ILE A 47 28.71 -30.52 17.48
C ILE A 47 27.79 -31.73 17.33
N ARG A 48 27.02 -32.00 18.39
CA ARG A 48 26.09 -33.13 18.40
C ARG A 48 25.08 -33.00 17.27
N TRP A 49 24.77 -31.76 16.91
CA TRP A 49 23.86 -31.49 15.81
C TRP A 49 24.47 -31.93 14.49
N LEU A 50 25.71 -31.53 14.26
CA LEU A 50 26.44 -31.95 13.06
C LEU A 50 26.61 -33.46 13.05
N LEU A 51 26.86 -34.02 14.22
CA LEU A 51 27.00 -35.48 14.41
C LEU A 51 25.72 -36.18 14.02
N ALA A 52 24.63 -35.49 14.36
CA ALA A 52 23.27 -35.91 14.13
C ALA A 52 22.89 -35.82 12.67
N GLU A 53 23.13 -34.70 12.00
CA GLU A 53 22.70 -34.76 10.65
C GLU A 53 23.83 -35.14 9.72
N GLY A 54 24.79 -35.95 10.20
CA GLY A 54 25.90 -36.47 9.41
C GLY A 54 26.88 -35.45 8.84
N TYR A 55 27.45 -34.64 9.72
CA TYR A 55 28.43 -33.65 9.30
C TYR A 55 29.75 -33.90 9.99
N VAL A 56 29.68 -34.53 11.16
CA VAL A 56 30.87 -34.87 11.92
C VAL A 56 30.88 -36.34 12.34
N VAL A 57 32.05 -36.98 12.21
CA VAL A 57 32.19 -38.36 12.65
C VAL A 57 33.15 -38.37 13.85
N LYS A 58 33.25 -39.50 14.51
CA LYS A 58 34.01 -39.58 15.74
C LYS A 58 35.06 -40.69 15.81
N GLU A 59 36.29 -40.28 16.07
CA GLU A 59 37.43 -41.21 16.12
C GLU A 59 38.14 -41.24 17.50
N GLN A 60 37.65 -41.89 18.59
CA GLN A 60 38.52 -41.83 19.77
C GLN A 60 39.81 -42.43 19.32
N LYS A 61 40.81 -41.65 19.03
CA LYS A 61 42.02 -42.29 18.65
C LYS A 61 42.81 -42.45 19.92
N GLY A 62 42.51 -43.50 20.67
CA GLY A 62 43.22 -43.71 21.93
C GLY A 62 42.36 -43.30 23.12
N GLU A 63 42.90 -42.41 23.93
CA GLU A 63 42.25 -41.98 25.17
C GLU A 63 41.41 -40.71 25.02
N GLU A 64 41.05 -40.34 23.77
CA GLU A 64 40.39 -39.06 23.46
C GLU A 64 39.25 -39.17 22.45
N ILE A 65 38.55 -38.08 22.14
CA ILE A 65 37.52 -38.12 21.14
C ILE A 65 37.84 -37.06 20.09
N TYR A 66 38.04 -37.56 18.85
CA TYR A 66 38.42 -36.66 17.72
C TYR A 66 37.25 -36.43 16.77
N TYR A 67 36.96 -35.15 16.52
CA TYR A 67 35.92 -34.70 15.56
C TYR A 67 36.43 -34.42 14.14
N LYS A 68 35.61 -34.75 13.14
CA LYS A 68 35.95 -34.59 11.72
C LYS A 68 34.79 -34.12 10.86
N LEU A 69 35.08 -33.47 9.75
CA LEU A 69 34.05 -33.29 8.72
C LEU A 69 33.90 -34.60 7.95
N THR A 70 32.67 -35.00 7.67
CA THR A 70 32.44 -36.12 6.77
C THR A 70 32.14 -35.53 5.40
N ASP A 71 31.91 -36.37 4.40
CA ASP A 71 31.87 -35.84 3.04
C ASP A 71 30.54 -35.19 2.64
N LYS A 72 29.44 -35.47 3.30
CA LYS A 72 28.27 -34.63 3.07
C LYS A 72 28.39 -33.41 3.97
N GLY A 73 29.14 -33.56 5.06
CA GLY A 73 29.47 -32.43 5.91
C GLY A 73 30.38 -31.48 5.15
N LYS A 74 31.13 -32.05 4.22
CA LYS A 74 31.99 -31.26 3.35
C LYS A 74 31.24 -30.85 2.08
N GLN A 75 30.29 -31.68 1.65
CA GLN A 75 29.53 -31.39 0.44
C GLN A 75 28.59 -30.21 0.65
N LEU A 76 28.32 -29.88 1.91
CA LEU A 76 27.55 -28.67 2.19
C LEU A 76 28.47 -27.54 2.59
N ALA A 77 29.55 -27.87 3.30
CA ALA A 77 30.51 -26.86 3.74
C ALA A 77 30.79 -25.96 2.56
N THR A 78 31.19 -26.56 1.45
CA THR A 78 31.41 -25.84 0.20
C THR A 78 30.10 -25.30 -0.40
N ALA A 79 28.99 -25.99 -0.18
CA ALA A 79 27.73 -25.58 -0.77
C ALA A 79 27.25 -24.25 -0.17
N GLU A 80 27.48 -24.07 1.12
CA GLU A 80 27.12 -22.82 1.77
C GLU A 80 28.23 -21.79 1.61
N LEU A 81 29.49 -22.24 1.65
CA LEU A 81 30.66 -21.36 1.53
C LEU A 81 30.55 -20.42 0.34
N GLU A 82 29.96 -20.89 -0.75
CA GLU A 82 29.79 -20.09 -1.95
C GLU A 82 28.56 -19.19 -1.87
N LYS A 83 27.49 -19.72 -1.27
CA LYS A 83 26.25 -18.97 -1.09
C LYS A 83 26.56 -17.71 -0.28
N ILE A 84 27.32 -17.92 0.81
CA ILE A 84 27.72 -16.81 1.68
C ILE A 84 28.77 -15.88 0.96
N ARG A 85 29.71 -16.41 0.13
CA ARG A 85 30.71 -15.60 -0.66
C ARG A 85 29.97 -14.68 -1.61
N LYS A 86 28.84 -15.18 -2.03
CA LYS A 86 28.07 -14.50 -3.09
C LYS A 86 27.27 -13.27 -2.62
N LEU A 87 27.04 -13.13 -1.31
CA LEU A 87 26.31 -11.97 -0.80
C LEU A 87 27.35 -10.88 -0.55
N VAL A 88 28.57 -11.14 -1.00
CA VAL A 88 29.67 -10.21 -0.80
C VAL A 88 30.09 -9.53 -2.09
N GLU A 89 29.82 -10.16 -3.21
CA GLU A 89 30.12 -9.60 -4.53
C GLU A 89 29.11 -8.52 -4.88
N VAL A 90 28.08 -8.34 -4.05
CA VAL A 90 27.10 -7.29 -4.29
C VAL A 90 27.53 -5.96 -3.66
N VAL A 91 28.20 -6.03 -2.50
CA VAL A 91 28.65 -4.81 -1.82
C VAL A 91 30.15 -4.61 -1.89
N GLN A 92 30.71 -4.77 -3.09
CA GLN A 92 32.08 -4.37 -3.40
C GLN A 92 32.45 -4.75 -4.83
N GLY B 1 19.52 -17.18 23.36
CA GLY B 1 18.78 -17.05 22.13
C GLY B 1 19.04 -18.23 21.23
N LYS B 2 18.36 -18.22 20.17
CA LYS B 2 18.65 -19.28 19.33
C LYS B 2 19.19 -18.68 18.10
N ILE B 3 20.48 -18.68 18.02
CA ILE B 3 20.91 -18.20 16.77
C ILE B 3 20.83 -19.34 15.69
N SER B 4 21.40 -20.56 15.93
CA SER B 4 21.52 -21.68 14.98
C SER B 4 20.46 -22.76 15.09
N THR B 5 19.76 -22.79 13.99
CA THR B 5 18.69 -23.65 13.75
C THR B 5 19.06 -24.52 12.59
N ASP B 6 18.09 -25.18 12.02
CA ASP B 6 18.53 -26.09 11.01
C ASP B 6 18.74 -25.47 9.66
N LYS B 7 18.28 -24.24 9.44
CA LYS B 7 18.46 -23.59 8.14
C LYS B 7 19.21 -22.28 8.23
N TYR B 8 19.55 -21.88 9.43
CA TYR B 8 20.40 -20.69 9.62
C TYR B 8 21.76 -21.19 10.10
N ILE B 9 22.26 -22.23 9.45
CA ILE B 9 23.49 -22.90 9.86
C ILE B 9 24.68 -21.95 9.90
N PHE B 10 24.92 -21.24 8.79
CA PHE B 10 26.06 -20.35 8.68
C PHE B 10 25.72 -18.90 9.05
N LEU B 11 24.61 -18.39 8.52
CA LEU B 11 24.23 -17.01 8.76
C LEU B 11 22.90 -16.83 9.48
N THR B 12 22.87 -15.82 10.34
CA THR B 12 21.66 -15.41 11.04
C THR B 12 20.74 -14.63 10.10
N PRO B 13 19.47 -14.42 10.50
CA PRO B 13 18.62 -13.58 9.65
C PRO B 13 19.10 -12.13 9.59
N ARG B 14 19.67 -11.63 10.67
CA ARG B 14 20.21 -10.28 10.73
C ARG B 14 21.23 -10.03 9.61
N ALA B 15 21.85 -11.11 9.14
CA ALA B 15 22.74 -11.04 7.99
C ALA B 15 21.97 -10.62 6.74
N TYR B 16 21.14 -11.53 6.22
CA TYR B 16 20.42 -11.32 4.97
C TYR B 16 19.65 -10.01 4.88
N ILE B 17 19.08 -9.58 6.01
CA ILE B 17 18.32 -8.34 6.07
C ILE B 17 19.15 -7.15 5.62
N ILE B 18 20.28 -6.94 6.30
CA ILE B 18 21.15 -5.80 6.05
C ILE B 18 21.84 -5.92 4.69
N VAL B 19 22.11 -7.14 4.28
CA VAL B 19 22.68 -7.39 2.97
C VAL B 19 21.71 -6.95 1.87
N HIS B 20 20.43 -7.27 2.07
CA HIS B 20 19.40 -6.90 1.12
C HIS B 20 19.07 -5.41 1.21
N LEU B 21 19.17 -4.87 2.42
CA LEU B 21 18.91 -3.45 2.64
C LEU B 21 19.89 -2.59 1.84
N LEU B 22 21.00 -3.18 1.43
CA LEU B 22 22.02 -2.44 0.67
C LEU B 22 21.77 -2.41 -0.84
N LYS B 23 21.11 -3.42 -1.38
CA LYS B 23 20.98 -3.52 -2.83
C LYS B 23 19.81 -2.68 -3.36
N VAL B 24 18.85 -2.38 -2.49
CA VAL B 24 17.69 -1.59 -2.87
C VAL B 24 17.70 -0.27 -2.10
N GLY B 25 18.58 -0.21 -1.09
CA GLY B 25 18.63 0.93 -0.20
C GLY B 25 17.62 0.73 0.90
N LYS B 26 16.39 0.41 0.50
CA LYS B 26 15.32 0.21 1.45
C LYS B 26 14.24 -0.74 0.93
N ALA B 27 13.91 -1.78 1.75
CA ALA B 27 12.79 -2.72 1.45
C ALA B 27 11.82 -2.86 2.66
N LYS B 28 10.52 -3.13 2.51
CA LYS B 28 9.76 -3.12 3.82
C LYS B 28 9.97 -4.40 4.67
N ALA B 29 9.52 -4.39 5.95
CA ALA B 29 9.72 -5.57 6.83
C ALA B 29 9.09 -6.80 6.16
N SER B 30 8.00 -6.53 5.47
CA SER B 30 7.26 -7.56 4.75
C SER B 30 7.93 -7.87 3.41
N GLU B 31 8.31 -6.83 2.69
CA GLU B 31 8.98 -6.98 1.40
C GLU B 31 10.23 -7.83 1.51
N ILE B 32 10.96 -7.66 2.61
CA ILE B 32 12.21 -8.40 2.83
C ILE B 32 11.99 -9.87 2.85
N SER B 33 10.87 -10.24 3.39
CA SER B 33 10.57 -11.63 3.60
C SER B 33 10.55 -12.53 2.38
N GLU B 34 9.75 -12.23 1.34
CA GLU B 34 9.71 -13.10 0.16
C GLU B 34 10.94 -12.91 -0.72
N ASN B 35 11.88 -12.06 -0.29
CA ASN B 35 13.11 -11.86 -1.06
C ASN B 35 14.32 -12.49 -0.39
N THR B 36 14.27 -12.65 0.94
CA THR B 36 15.34 -13.27 1.68
C THR B 36 14.78 -14.55 2.22
N GLN B 37 13.59 -14.93 1.76
CA GLN B 37 13.02 -16.23 2.17
C GLN B 37 12.97 -16.43 3.66
N ILE B 38 13.17 -15.39 4.43
CA ILE B 38 13.04 -15.47 5.86
C ILE B 38 11.56 -15.38 6.21
N PRO B 39 11.06 -16.21 7.15
CA PRO B 39 9.67 -16.08 7.60
C PRO B 39 9.38 -14.68 8.12
N TYR B 40 8.27 -14.11 7.67
CA TYR B 40 7.95 -12.71 7.90
C TYR B 40 8.08 -12.25 9.35
N GLN B 41 7.42 -12.96 10.24
CA GLN B 41 7.38 -12.54 11.64
C GLN B 41 8.76 -12.63 12.32
N THR B 42 9.65 -13.41 11.72
CA THR B 42 11.02 -13.46 12.23
C THR B 42 11.68 -12.14 11.84
N VAL B 43 11.49 -11.75 10.57
CA VAL B 43 12.01 -10.47 10.06
C VAL B 43 11.67 -9.27 11.03
N ILE B 44 10.38 -8.95 11.25
CA ILE B 44 9.88 -7.87 12.12
C ILE B 44 10.49 -7.92 13.47
N GLN B 45 10.75 -9.08 13.95
CA GLN B 45 11.25 -9.05 15.28
C GLN B 45 12.68 -8.47 15.41
N ASN B 46 13.46 -8.73 14.38
CA ASN B 46 14.82 -8.22 14.26
C ASN B 46 14.73 -6.74 13.87
N ILE B 47 13.74 -6.41 13.05
CA ILE B 47 13.53 -5.04 12.61
C ILE B 47 13.40 -4.09 13.80
N ARG B 48 12.52 -4.43 14.75
CA ARG B 48 12.37 -3.59 15.94
C ARG B 48 13.69 -3.48 16.70
N TRP B 49 14.46 -4.56 16.75
CA TRP B 49 15.77 -4.51 17.38
C TRP B 49 16.67 -3.53 16.64
N LEU B 50 16.60 -3.55 15.33
CA LEU B 50 17.48 -2.72 14.50
C LEU B 50 17.27 -1.22 14.73
N LEU B 51 16.08 -0.80 15.14
CA LEU B 51 15.85 0.63 15.30
C LEU B 51 15.97 1.07 16.76
N ALA B 52 15.71 0.16 17.68
CA ALA B 52 15.91 0.47 19.09
C ALA B 52 17.39 0.75 19.32
N GLU B 53 18.24 -0.05 18.68
CA GLU B 53 19.67 0.18 18.68
C GLU B 53 20.04 1.21 17.62
N GLY B 54 19.12 1.53 16.73
CA GLY B 54 19.29 2.64 15.81
C GLY B 54 19.92 2.34 14.46
N TYR B 55 19.99 1.07 14.11
CA TYR B 55 20.58 0.69 12.83
C TYR B 55 19.73 1.14 11.65
N VAL B 56 18.40 1.11 11.84
CA VAL B 56 17.46 1.37 10.76
C VAL B 56 16.34 2.29 11.29
N VAL B 57 15.64 2.99 10.41
CA VAL B 57 14.47 3.75 10.84
C VAL B 57 13.33 3.65 9.82
N LYS B 58 12.12 3.78 10.33
CA LYS B 58 10.90 3.55 9.56
C LYS B 58 10.52 4.75 8.67
N GLU B 59 11.08 4.77 7.45
CA GLU B 59 10.77 5.89 6.56
C GLU B 59 9.37 5.89 5.86
N GLN B 60 8.43 6.64 6.45
CA GLN B 60 6.99 6.94 6.09
C GLN B 60 6.63 7.17 4.65
N LYS B 61 5.75 6.40 4.10
CA LYS B 61 5.47 6.67 2.71
C LYS B 61 4.00 6.59 2.44
N GLY B 62 3.33 7.60 2.94
CA GLY B 62 1.92 7.64 2.83
C GLY B 62 1.44 6.75 3.94
N GLU B 63 0.85 5.74 3.52
CA GLU B 63 0.19 4.85 4.38
C GLU B 63 1.09 3.65 4.76
N GLU B 64 2.04 3.40 3.84
CA GLU B 64 2.97 2.30 4.03
C GLU B 64 4.23 2.76 4.75
N ILE B 65 4.91 1.82 5.42
CA ILE B 65 6.10 2.09 6.17
C ILE B 65 7.38 1.53 5.53
N TYR B 66 8.36 2.40 5.30
CA TYR B 66 9.62 1.98 4.68
C TYR B 66 10.75 1.92 5.72
N TYR B 67 11.85 1.24 5.39
CA TYR B 67 12.93 0.99 6.35
C TYR B 67 14.37 1.13 5.79
N LYS B 68 15.17 1.99 6.45
CA LYS B 68 16.49 2.44 5.98
C LYS B 68 17.66 2.12 6.90
N LEU B 69 18.69 1.43 6.40
CA LEU B 69 19.96 1.37 7.13
C LEU B 69 20.36 2.81 7.39
N THR B 70 20.56 3.19 8.64
CA THR B 70 21.09 4.53 8.89
C THR B 70 22.60 4.49 8.73
N ASP B 71 23.24 5.65 8.68
CA ASP B 71 24.71 5.73 8.55
C ASP B 71 25.34 4.82 9.60
N LYS B 72 24.70 4.79 10.76
CA LYS B 72 24.98 3.87 11.85
C LYS B 72 24.88 2.42 11.36
N GLY B 73 23.78 2.12 10.66
CA GLY B 73 23.50 0.78 10.20
C GLY B 73 24.28 0.31 8.99
N LYS B 74 25.12 1.18 8.43
CA LYS B 74 26.07 0.71 7.43
C LYS B 74 27.47 0.59 8.01
N GLN B 75 27.70 1.21 9.16
CA GLN B 75 28.97 1.03 9.84
C GLN B 75 29.11 -0.40 10.32
N LEU B 76 28.04 -0.96 10.88
CA LEU B 76 28.04 -2.37 11.25
C LEU B 76 28.25 -3.24 10.02
N ALA B 77 27.49 -2.95 8.98
CA ALA B 77 27.48 -3.76 7.76
C ALA B 77 28.88 -3.97 7.22
N THR B 78 29.54 -2.87 6.86
CA THR B 78 30.88 -2.94 6.29
C THR B 78 31.90 -3.46 7.31
N ALA B 79 31.52 -3.44 8.59
CA ALA B 79 32.37 -4.00 9.64
C ALA B 79 32.14 -5.49 9.82
N GLU B 80 30.88 -5.88 10.03
CA GLU B 80 30.54 -7.29 10.18
C GLU B 80 30.91 -8.09 8.94
N LEU B 81 30.64 -7.52 7.77
CA LEU B 81 30.93 -8.19 6.50
C LEU B 81 32.43 -8.34 6.27
N GLU B 82 33.22 -7.71 7.13
CA GLU B 82 34.66 -7.85 7.09
C GLU B 82 35.09 -9.08 7.88
N LYS B 83 34.39 -9.35 8.97
CA LYS B 83 34.66 -10.51 9.81
C LYS B 83 34.49 -11.82 9.04
N ILE B 84 33.53 -11.85 8.13
CA ILE B 84 33.22 -13.06 7.37
C ILE B 84 34.23 -13.25 6.25
N ARG B 85 34.89 -12.17 5.86
CA ARG B 85 35.87 -12.25 4.79
C ARG B 85 37.15 -12.89 5.30
N LYS B 86 37.51 -12.61 6.55
CA LYS B 86 38.71 -13.21 7.14
C LYS B 86 38.52 -14.73 7.34
N LEU B 87 37.30 -15.20 7.08
CA LEU B 87 36.99 -16.61 7.22
C LEU B 87 36.84 -17.30 5.86
N VAL B 88 35.79 -16.94 5.13
CA VAL B 88 35.54 -17.54 3.82
C VAL B 88 36.45 -16.92 2.76
N GLU B 89 37.76 -17.02 3.00
CA GLU B 89 38.78 -16.51 2.10
C GLU B 89 40.00 -17.42 2.12
N VAL B 90 40.39 -17.85 3.32
CA VAL B 90 41.51 -18.78 3.50
C VAL B 90 41.21 -20.25 3.01
N VAL B 91 40.09 -20.38 2.26
CA VAL B 91 39.54 -21.57 1.63
C VAL B 91 40.41 -21.94 0.43
N SER C 4 -24.67 2.35 -15.70
CA SER C 4 -24.69 2.75 -17.09
C SER C 4 -25.69 3.88 -17.02
N THR C 5 -25.14 4.98 -17.43
CA THR C 5 -25.71 6.26 -17.45
C THR C 5 -25.53 6.83 -18.84
N ASP C 6 -26.39 7.72 -19.26
CA ASP C 6 -26.20 8.20 -20.61
C ASP C 6 -26.12 9.72 -20.70
N LYS C 7 -27.14 10.42 -20.22
CA LYS C 7 -27.14 11.87 -20.38
C LYS C 7 -27.10 12.58 -19.02
N TYR C 8 -27.13 11.78 -17.96
CA TYR C 8 -27.11 12.26 -16.58
C TYR C 8 -25.79 11.94 -15.88
N ILE C 9 -24.65 12.45 -16.34
CA ILE C 9 -23.39 11.98 -15.76
C ILE C 9 -22.86 12.89 -14.64
N PHE C 10 -23.26 14.15 -14.67
CA PHE C 10 -22.81 15.12 -13.68
C PHE C 10 -23.99 15.86 -13.08
N LEU C 11 -24.90 16.32 -13.93
CA LEU C 11 -26.11 16.97 -13.48
C LEU C 11 -27.25 15.97 -13.34
N THR C 12 -27.92 16.02 -12.20
CA THR C 12 -29.08 15.16 -11.96
C THR C 12 -30.23 15.63 -12.85
N PRO C 13 -31.16 14.71 -13.21
CA PRO C 13 -32.38 15.13 -13.89
C PRO C 13 -33.19 16.10 -13.03
N ARG C 14 -33.23 15.81 -11.73
CA ARG C 14 -33.86 16.68 -10.76
C ARG C 14 -33.30 18.10 -10.82
N ALA C 15 -32.00 18.20 -11.06
CA ALA C 15 -31.33 19.49 -11.20
C ALA C 15 -31.96 20.34 -12.30
N TYR C 16 -31.94 19.81 -13.52
CA TYR C 16 -32.51 20.48 -14.71
C TYR C 16 -33.85 21.12 -14.42
N ILE C 17 -34.70 20.40 -13.69
CA ILE C 17 -36.03 20.87 -13.36
C ILE C 17 -36.00 22.10 -12.46
N ILE C 18 -35.24 21.99 -11.36
CA ILE C 18 -35.21 23.04 -10.35
C ILE C 18 -34.75 24.39 -10.93
N VAL C 19 -33.92 24.35 -11.96
CA VAL C 19 -33.44 25.58 -12.58
C VAL C 19 -34.45 26.10 -13.61
N HIS C 20 -35.25 25.21 -14.17
CA HIS C 20 -36.25 25.63 -15.14
C HIS C 20 -37.30 26.52 -14.50
N LEU C 21 -37.58 26.29 -13.22
CA LEU C 21 -38.65 27.03 -12.54
C LEU C 21 -38.11 28.34 -11.98
N LEU C 22 -36.90 28.70 -12.40
CA LEU C 22 -36.27 29.93 -11.98
C LEU C 22 -36.60 31.07 -12.94
N LYS C 23 -36.31 30.87 -14.21
CA LYS C 23 -36.55 31.90 -15.22
C LYS C 23 -37.97 31.78 -15.77
N VAL C 24 -38.64 30.70 -15.42
CA VAL C 24 -39.99 30.45 -15.91
C VAL C 24 -40.99 30.63 -14.78
N GLY C 25 -40.51 30.50 -13.56
CA GLY C 25 -41.31 30.75 -12.37
C GLY C 25 -42.46 29.77 -12.17
N LYS C 26 -43.38 29.73 -13.12
CA LYS C 26 -44.54 28.85 -13.08
C LYS C 26 -44.42 27.80 -14.19
N ALA C 27 -44.82 26.57 -13.94
CA ALA C 27 -44.53 25.50 -14.89
C ALA C 27 -45.37 24.25 -14.74
N LYS C 28 -45.63 23.57 -15.84
CA LYS C 28 -46.37 22.31 -15.81
C LYS C 28 -45.39 21.20 -16.18
N ALA C 29 -45.60 20.00 -15.65
CA ALA C 29 -44.80 18.82 -15.94
C ALA C 29 -44.47 18.64 -17.43
N SER C 30 -45.49 18.59 -18.28
CA SER C 30 -45.26 18.39 -19.69
C SER C 30 -44.54 19.58 -20.29
N GLU C 31 -44.95 20.78 -19.89
CA GLU C 31 -44.22 22.02 -20.13
C GLU C 31 -42.71 21.84 -19.92
N ILE C 32 -42.36 21.51 -18.68
CA ILE C 32 -40.97 21.27 -18.29
C ILE C 32 -40.40 20.08 -19.06
N SER C 33 -41.19 19.03 -19.19
CA SER C 33 -40.77 17.80 -19.86
C SER C 33 -40.20 18.08 -21.24
N GLU C 34 -40.94 18.85 -22.04
CA GLU C 34 -40.57 19.09 -23.42
C GLU C 34 -39.26 19.88 -23.56
N ASN C 35 -39.13 20.99 -22.85
CA ASN C 35 -37.96 21.84 -23.09
C ASN C 35 -36.72 21.39 -22.32
N THR C 36 -36.90 20.93 -21.08
CA THR C 36 -35.76 20.53 -20.27
C THR C 36 -35.22 19.16 -20.65
N GLN C 37 -35.86 18.55 -21.65
CA GLN C 37 -35.38 17.31 -22.26
C GLN C 37 -35.43 16.13 -21.29
N ILE C 38 -36.60 15.86 -20.74
CA ILE C 38 -36.77 14.74 -19.81
C ILE C 38 -38.11 14.04 -20.01
N PRO C 39 -38.09 12.71 -20.15
CA PRO C 39 -39.29 11.90 -20.29
C PRO C 39 -40.25 12.25 -19.15
N TYR C 40 -41.51 12.41 -19.50
CA TYR C 40 -42.59 12.79 -18.62
C TYR C 40 -42.61 12.15 -17.20
N GLN C 41 -42.39 10.85 -17.13
CA GLN C 41 -42.40 10.11 -15.88
C GLN C 41 -41.44 10.65 -14.83
N THR C 42 -40.22 10.97 -15.26
CA THR C 42 -39.21 11.52 -14.37
C THR C 42 -39.60 12.93 -13.92
N VAL C 43 -40.23 13.67 -14.82
CA VAL C 43 -40.65 15.05 -14.54
C VAL C 43 -41.59 15.12 -13.35
N ILE C 44 -42.83 14.62 -13.52
CA ILE C 44 -43.85 14.59 -12.44
C ILE C 44 -43.36 14.02 -11.07
N GLN C 45 -42.76 12.82 -11.09
CA GLN C 45 -42.08 12.15 -9.94
C GLN C 45 -41.08 12.99 -9.14
N ASN C 46 -40.11 13.62 -9.80
CA ASN C 46 -39.16 14.38 -9.04
C ASN C 46 -39.88 15.57 -8.49
N ILE C 47 -40.94 16.02 -9.17
CA ILE C 47 -41.75 17.14 -8.70
C ILE C 47 -42.44 16.82 -7.39
N ARG C 48 -43.01 15.63 -7.32
CA ARG C 48 -43.65 15.14 -6.11
C ARG C 48 -42.70 15.20 -4.92
N TRP C 49 -41.44 14.85 -5.16
CA TRP C 49 -40.41 14.97 -4.13
C TRP C 49 -40.26 16.42 -3.70
N LEU C 50 -40.08 17.31 -4.67
CA LEU C 50 -39.89 18.73 -4.40
C LEU C 50 -41.02 19.34 -3.58
N LEU C 51 -42.26 18.99 -3.91
CA LEU C 51 -43.40 19.52 -3.18
C LEU C 51 -43.47 18.87 -1.80
N ALA C 52 -43.12 17.59 -1.73
CA ALA C 52 -43.06 16.89 -0.45
C ALA C 52 -42.03 17.52 0.48
N GLU C 53 -40.89 17.87 -0.08
CA GLU C 53 -39.81 18.51 0.67
C GLU C 53 -40.11 19.99 0.91
N GLY C 54 -41.21 20.46 0.34
CA GLY C 54 -41.61 21.85 0.49
C GLY C 54 -40.75 22.77 -0.37
N TYR C 55 -40.61 22.42 -1.64
CA TYR C 55 -39.78 23.19 -2.56
C TYR C 55 -40.59 23.73 -3.73
N VAL C 56 -41.59 22.98 -4.17
CA VAL C 56 -42.43 23.40 -5.29
C VAL C 56 -43.90 23.37 -4.89
N VAL C 57 -44.73 24.12 -5.61
CA VAL C 57 -46.18 24.14 -5.36
C VAL C 57 -46.98 24.10 -6.67
N LYS C 58 -47.95 23.20 -6.71
CA LYS C 58 -48.89 23.11 -7.82
C LYS C 58 -49.79 24.35 -7.88
N GLU C 59 -50.04 24.85 -9.08
CA GLU C 59 -50.97 25.96 -9.30
C GLU C 59 -51.97 25.60 -10.39
N GLN C 60 -53.21 25.33 -9.99
CA GLN C 60 -54.20 24.65 -10.84
C GLN C 60 -55.33 25.58 -11.29
N LYS C 61 -55.41 25.77 -12.61
CA LYS C 61 -56.37 26.71 -13.20
C LYS C 61 -57.25 26.00 -14.24
N GLY C 62 -58.28 25.27 -13.81
CA GLY C 62 -59.15 24.56 -14.76
C GLY C 62 -58.95 23.06 -14.66
N GLU C 63 -58.10 22.52 -15.52
CA GLU C 63 -57.47 21.22 -15.26
C GLU C 63 -56.06 21.35 -15.81
N GLU C 64 -55.51 22.51 -15.46
CA GLU C 64 -54.25 23.09 -15.93
C GLU C 64 -53.31 23.22 -14.72
N ILE C 65 -52.44 22.22 -14.50
CA ILE C 65 -51.60 22.20 -13.28
C ILE C 65 -50.22 22.81 -13.50
N TYR C 66 -49.98 23.98 -12.89
CA TYR C 66 -48.71 24.68 -13.04
C TYR C 66 -47.87 24.73 -11.77
N TYR C 67 -46.87 23.85 -11.68
CA TYR C 67 -45.98 23.82 -10.52
C TYR C 67 -45.05 25.03 -10.51
N LYS C 68 -44.85 25.62 -9.33
CA LYS C 68 -43.95 26.77 -9.20
C LYS C 68 -43.06 26.67 -7.97
N LEU C 69 -41.83 27.18 -8.10
CA LEU C 69 -40.84 27.06 -7.04
C LEU C 69 -41.17 27.97 -5.85
N THR C 70 -41.20 27.39 -4.64
CA THR C 70 -41.52 28.14 -3.43
C THR C 70 -40.36 29.00 -2.99
N ASP C 71 -40.59 29.83 -1.98
CA ASP C 71 -39.52 30.65 -1.42
C ASP C 71 -38.39 29.78 -0.93
N LYS C 72 -38.66 28.94 0.06
CA LYS C 72 -37.60 28.06 0.59
C LYS C 72 -37.06 27.10 -0.50
N GLY C 73 -37.85 26.94 -1.55
CA GLY C 73 -37.41 26.16 -2.69
C GLY C 73 -36.38 26.99 -3.44
N LYS C 74 -36.59 28.31 -3.40
CA LYS C 74 -35.68 29.25 -4.06
C LYS C 74 -34.46 29.53 -3.19
N GLN C 75 -34.62 29.50 -1.88
CA GLN C 75 -33.53 29.76 -0.96
C GLN C 75 -32.44 28.69 -1.06
N LEU C 76 -32.85 27.42 -1.23
CA LEU C 76 -31.97 26.27 -1.42
C LEU C 76 -31.28 26.39 -2.77
N ALA C 77 -32.05 26.74 -3.80
CA ALA C 77 -31.48 26.81 -5.12
C ALA C 77 -30.39 27.86 -5.23
N THR C 78 -30.42 28.81 -4.30
CA THR C 78 -29.42 29.88 -4.25
C THR C 78 -28.18 29.36 -3.55
N ALA C 79 -28.34 29.08 -2.24
CA ALA C 79 -27.24 28.62 -1.41
C ALA C 79 -26.53 27.39 -1.95
N GLU C 80 -27.18 26.67 -2.86
CA GLU C 80 -26.59 25.48 -3.45
C GLU C 80 -25.96 25.80 -4.79
N LEU C 81 -26.59 26.72 -5.54
CA LEU C 81 -25.99 27.11 -6.84
C LEU C 81 -24.65 27.72 -6.55
N GLU C 82 -24.52 28.30 -5.36
CA GLU C 82 -23.27 28.87 -4.92
C GLU C 82 -22.19 27.80 -4.76
N LYS C 83 -22.57 26.60 -4.35
CA LYS C 83 -21.59 25.53 -4.20
C LYS C 83 -21.29 24.83 -5.54
N ILE C 84 -22.29 24.79 -6.42
CA ILE C 84 -22.03 24.32 -7.77
C ILE C 84 -20.99 25.22 -8.40
N ARG C 85 -21.11 26.52 -8.12
CA ARG C 85 -20.15 27.49 -8.62
C ARG C 85 -18.75 27.16 -8.11
N LYS C 86 -18.51 27.26 -6.80
CA LYS C 86 -17.17 26.99 -6.25
C LYS C 86 -16.59 25.63 -6.64
N LEU C 87 -17.38 24.79 -7.30
CA LEU C 87 -16.89 23.54 -7.87
C LEU C 87 -16.23 23.76 -9.23
N VAL C 88 -16.88 24.52 -10.09
CA VAL C 88 -16.37 24.73 -11.44
C VAL C 88 -15.24 25.76 -11.43
N GLU C 89 -15.29 26.69 -10.47
CA GLU C 89 -14.24 27.70 -10.35
C GLU C 89 -12.90 27.08 -10.01
N VAL C 90 -12.90 26.10 -9.11
CA VAL C 90 -11.65 25.44 -8.75
C VAL C 90 -11.17 24.56 -9.90
N VAL C 91 -10.33 25.12 -10.74
CA VAL C 91 -9.78 24.41 -11.90
C VAL C 91 -8.31 24.03 -11.70
N GLY D 1 -31.65 4.82 -12.94
CA GLY D 1 -31.06 4.42 -11.70
C GLY D 1 -31.36 5.40 -10.57
N LYS D 2 -30.66 5.18 -9.47
CA LYS D 2 -30.79 5.95 -8.26
C LYS D 2 -29.97 7.21 -8.38
N ILE D 3 -30.31 8.04 -9.32
CA ILE D 3 -29.50 9.22 -9.50
C ILE D 3 -29.78 10.32 -8.38
N SER D 4 -31.00 10.60 -7.84
CA SER D 4 -31.12 11.71 -6.83
C SER D 4 -32.04 11.49 -5.57
N THR D 5 -31.65 12.05 -4.34
CA THR D 5 -32.44 11.94 -3.06
C THR D 5 -32.31 13.20 -2.11
N ASP D 6 -32.53 13.07 -0.76
CA ASP D 6 -32.52 14.23 0.18
C ASP D 6 -31.41 15.25 -0.04
N LYS D 7 -30.15 14.81 -0.01
CA LYS D 7 -29.03 15.73 -0.18
C LYS D 7 -28.22 15.52 -1.47
N TYR D 8 -28.81 14.83 -2.45
CA TYR D 8 -28.21 14.68 -3.75
C TYR D 8 -29.16 15.39 -4.68
N ILE D 9 -28.94 16.66 -4.95
CA ILE D 9 -29.95 17.43 -5.64
C ILE D 9 -29.53 17.86 -7.06
N PHE D 10 -28.45 18.60 -7.20
CA PHE D 10 -27.99 19.00 -8.53
C PHE D 10 -26.82 18.18 -9.03
N LEU D 11 -25.85 17.94 -8.16
CA LEU D 11 -24.61 17.32 -8.57
C LEU D 11 -24.46 15.88 -8.09
N THR D 12 -24.29 14.98 -9.05
CA THR D 12 -24.12 13.54 -8.81
C THR D 12 -22.82 13.26 -8.03
N PRO D 13 -22.59 12.00 -7.63
CA PRO D 13 -21.31 11.79 -6.95
C PRO D 13 -20.14 11.91 -7.92
N ARG D 14 -20.37 11.42 -9.14
CA ARG D 14 -19.37 11.46 -10.19
C ARG D 14 -18.94 12.90 -10.48
N ALA D 15 -19.84 13.83 -10.22
CA ALA D 15 -19.53 15.25 -10.33
C ALA D 15 -18.27 15.59 -9.54
N TYR D 16 -18.31 15.38 -8.23
CA TYR D 16 -17.15 15.69 -7.40
C TYR D 16 -16.01 14.70 -7.57
N ILE D 17 -16.34 13.47 -7.94
CA ILE D 17 -15.31 12.46 -8.22
C ILE D 17 -14.35 12.95 -9.30
N ILE D 18 -14.88 13.14 -10.51
CA ILE D 18 -14.07 13.60 -11.63
C ILE D 18 -13.51 14.99 -11.36
N VAL D 19 -14.25 15.78 -10.60
CA VAL D 19 -13.71 17.09 -10.24
C VAL D 19 -12.59 16.91 -9.21
N HIS D 20 -12.77 16.04 -8.21
CA HIS D 20 -11.76 15.82 -7.16
C HIS D 20 -10.37 15.72 -7.69
N LEU D 21 -10.29 14.72 -8.54
CA LEU D 21 -9.11 14.27 -9.23
C LEU D 21 -8.51 15.39 -10.09
N LEU D 22 -9.36 16.26 -10.62
CA LEU D 22 -8.85 17.40 -11.41
C LEU D 22 -8.13 18.33 -10.46
N LYS D 23 -8.76 18.63 -9.33
CA LYS D 23 -8.21 19.56 -8.35
C LYS D 23 -6.88 19.06 -7.81
N VAL D 24 -6.79 17.77 -7.47
CA VAL D 24 -5.56 17.21 -6.94
C VAL D 24 -4.67 16.55 -8.01
N GLY D 25 -5.21 15.55 -8.70
CA GLY D 25 -4.42 14.75 -9.62
C GLY D 25 -4.68 13.25 -9.47
N LYS D 26 -4.51 12.76 -8.24
CA LYS D 26 -4.67 11.33 -7.97
C LYS D 26 -4.90 10.99 -6.50
N ALA D 27 -5.84 10.06 -6.26
CA ALA D 27 -6.22 9.67 -4.91
C ALA D 27 -6.87 8.27 -4.79
N LYS D 28 -6.82 7.77 -3.55
CA LYS D 28 -7.50 6.53 -3.18
C LYS D 28 -8.98 6.82 -3.00
N ALA D 29 -9.74 5.74 -2.88
CA ALA D 29 -11.11 5.83 -2.42
C ALA D 29 -11.10 6.38 -1.01
N SER D 30 -10.03 6.08 -0.28
CA SER D 30 -9.81 6.59 1.06
C SER D 30 -9.69 8.12 1.06
N GLU D 31 -8.79 8.65 0.24
CA GLU D 31 -8.58 10.08 0.15
C GLU D 31 -9.79 10.80 -0.43
N ILE D 32 -10.38 10.23 -1.48
CA ILE D 32 -11.56 10.80 -2.12
C ILE D 32 -12.73 10.92 -1.16
N SER D 33 -13.18 9.78 -0.64
CA SER D 33 -14.34 9.70 0.23
C SER D 33 -14.24 10.65 1.42
N GLU D 34 -13.05 10.75 1.98
CA GLU D 34 -12.83 11.56 3.18
C GLU D 34 -13.03 13.05 2.89
N ASN D 35 -12.81 13.44 1.63
CA ASN D 35 -12.94 14.84 1.26
C ASN D 35 -14.26 15.17 0.56
N THR D 36 -14.63 14.38 -0.44
CA THR D 36 -15.87 14.64 -1.18
C THR D 36 -17.10 14.29 -0.36
N GLN D 37 -16.87 13.83 0.86
CA GLN D 37 -17.94 13.51 1.81
C GLN D 37 -18.89 12.43 1.27
N ILE D 38 -18.40 11.66 0.31
CA ILE D 38 -19.17 10.56 -0.25
C ILE D 38 -18.74 9.25 0.40
N PRO D 39 -19.72 8.52 0.96
CA PRO D 39 -19.45 7.23 1.53
C PRO D 39 -18.73 6.37 0.51
N TYR D 40 -17.67 5.81 1.00
CA TYR D 40 -16.75 4.93 0.34
C TYR D 40 -17.31 3.81 -0.61
N GLN D 41 -18.41 3.17 -0.24
CA GLN D 41 -19.02 2.13 -1.08
C GLN D 41 -19.66 2.81 -2.29
N THR D 42 -19.67 4.13 -2.26
CA THR D 42 -20.18 4.91 -3.37
C THR D 42 -18.99 5.36 -4.22
N VAL D 43 -17.90 5.74 -3.55
CA VAL D 43 -16.68 6.13 -4.22
C VAL D 43 -16.12 4.94 -4.98
N ILE D 44 -15.97 3.80 -4.27
CA ILE D 44 -15.48 2.57 -4.85
C ILE D 44 -16.30 2.22 -6.10
N GLN D 45 -17.61 2.28 -5.96
CA GLN D 45 -18.52 1.92 -7.04
C GLN D 45 -18.39 2.75 -8.31
N ASN D 46 -18.56 4.06 -8.18
CA ASN D 46 -18.44 4.96 -9.32
C ASN D 46 -17.09 4.80 -10.01
N ILE D 47 -16.07 4.50 -9.21
CA ILE D 47 -14.71 4.27 -9.71
C ILE D 47 -14.65 3.09 -10.68
N ARG D 48 -15.36 2.01 -10.35
CA ARG D 48 -15.41 0.85 -11.23
C ARG D 48 -15.99 1.22 -12.59
N TRP D 49 -17.05 2.02 -12.58
CA TRP D 49 -17.62 2.53 -13.82
C TRP D 49 -16.57 3.34 -14.57
N LEU D 50 -15.78 4.11 -13.81
CA LEU D 50 -14.72 4.93 -14.41
C LEU D 50 -13.64 4.07 -15.07
N LEU D 51 -13.10 3.12 -14.30
CA LEU D 51 -12.06 2.22 -14.82
C LEU D 51 -12.57 1.38 -15.99
N ALA D 52 -13.66 0.69 -15.76
CA ALA D 52 -14.24 -0.21 -16.79
C ALA D 52 -14.67 0.50 -18.05
N GLU D 53 -14.74 1.83 -17.99
CA GLU D 53 -15.08 2.62 -19.17
C GLU D 53 -13.80 3.04 -19.88
N GLY D 54 -13.03 3.94 -19.26
CA GLY D 54 -11.80 4.41 -19.85
C GLY D 54 -11.49 5.85 -19.51
N TYR D 55 -12.15 6.36 -18.48
CA TYR D 55 -11.91 7.72 -18.02
C TYR D 55 -10.79 7.73 -16.98
N VAL D 56 -10.75 6.69 -16.15
CA VAL D 56 -9.79 6.58 -15.06
C VAL D 56 -8.93 5.32 -15.20
N VAL D 57 -7.68 5.38 -14.74
CA VAL D 57 -6.82 4.20 -14.68
C VAL D 57 -6.15 4.06 -13.31
N LYS D 58 -5.85 2.82 -12.94
CA LYS D 58 -5.20 2.52 -11.67
C LYS D 58 -3.78 3.08 -11.62
N GLU D 59 -3.23 3.20 -10.42
CA GLU D 59 -1.82 3.53 -10.27
C GLU D 59 -1.31 3.16 -8.87
N GLN D 60 -0.68 1.99 -8.81
CA GLN D 60 -0.29 1.33 -7.56
C GLN D 60 1.09 1.81 -7.07
N LYS D 61 1.16 2.30 -5.84
CA LYS D 61 2.44 2.63 -5.22
C LYS D 61 2.98 1.46 -4.40
N GLY D 62 3.13 0.31 -5.04
CA GLY D 62 3.48 -0.91 -4.34
C GLY D 62 2.22 -1.68 -4.01
N GLU D 63 1.52 -1.21 -2.98
CA GLU D 63 0.17 -1.68 -2.71
C GLU D 63 -0.78 -0.50 -2.50
N GLU D 64 -0.26 0.71 -2.70
CA GLU D 64 -1.10 1.92 -2.72
C GLU D 64 -1.64 2.20 -4.12
N ILE D 65 -2.87 1.74 -4.38
CA ILE D 65 -3.49 1.84 -5.70
C ILE D 65 -4.23 3.16 -5.94
N TYR D 66 -3.49 4.20 -6.31
CA TYR D 66 -4.08 5.48 -6.66
C TYR D 66 -4.87 5.41 -7.97
N TYR D 67 -5.77 6.38 -8.18
CA TYR D 67 -6.57 6.43 -9.39
C TYR D 67 -6.36 7.73 -10.15
N LYS D 68 -5.83 7.65 -11.35
CA LYS D 68 -5.57 8.85 -12.13
C LYS D 68 -6.60 9.07 -13.19
N LEU D 69 -6.91 10.30 -13.61
CA LEU D 69 -7.90 10.52 -14.71
C LEU D 69 -7.05 10.44 -16.01
N THR D 70 -7.59 9.87 -17.06
CA THR D 70 -7.06 9.75 -18.45
C THR D 70 -7.46 10.94 -19.31
N ASP D 71 -7.30 10.69 -20.60
CA ASP D 71 -7.51 11.68 -21.63
C ASP D 71 -8.97 12.00 -21.93
N LYS D 72 -9.68 11.04 -22.51
CA LYS D 72 -11.07 11.23 -22.88
C LYS D 72 -11.94 11.46 -21.65
N GLY D 73 -11.38 11.16 -20.48
CA GLY D 73 -12.10 11.30 -19.23
C GLY D 73 -12.18 12.73 -18.75
N LYS D 74 -11.08 13.47 -18.88
CA LYS D 74 -11.04 14.88 -18.40
C LYS D 74 -11.09 15.88 -19.55
N GLN D 75 -10.84 15.37 -20.74
CA GLN D 75 -11.24 16.17 -21.88
C GLN D 75 -12.76 16.09 -21.96
N LEU D 76 -13.34 15.27 -21.10
CA LEU D 76 -14.78 15.17 -20.98
C LEU D 76 -15.21 16.19 -19.93
N ALA D 77 -14.62 16.11 -18.74
CA ALA D 77 -14.98 17.01 -17.63
C ALA D 77 -15.05 18.42 -18.14
N THR D 78 -14.00 18.85 -18.81
CA THR D 78 -13.99 20.16 -19.45
C THR D 78 -15.24 20.33 -20.42
N ALA D 79 -15.48 19.38 -21.34
CA ALA D 79 -16.58 19.46 -22.32
C ALA D 79 -17.92 19.54 -21.60
N GLU D 80 -17.93 18.74 -20.56
CA GLU D 80 -19.09 18.58 -19.74
C GLU D 80 -19.34 19.69 -18.73
N LEU D 81 -18.31 20.30 -18.19
CA LEU D 81 -18.53 21.32 -17.16
C LEU D 81 -19.21 22.57 -17.70
N GLU D 82 -19.25 22.73 -19.02
CA GLU D 82 -19.87 23.88 -19.61
C GLU D 82 -21.35 23.63 -19.83
N LYS D 83 -21.74 22.36 -19.88
CA LYS D 83 -23.15 22.03 -19.93
C LYS D 83 -23.65 22.32 -18.52
N ILE D 84 -22.72 22.78 -17.68
CA ILE D 84 -23.08 23.19 -16.31
C ILE D 84 -22.98 24.69 -16.25
N ARG D 85 -21.80 25.16 -16.54
CA ARG D 85 -21.53 26.57 -16.49
C ARG D 85 -22.54 27.41 -17.21
N LYS D 86 -23.18 26.96 -18.24
CA LYS D 86 -24.09 27.88 -18.88
C LYS D 86 -25.56 27.69 -18.49
N LEU D 87 -25.85 26.63 -17.76
CA LEU D 87 -27.19 26.41 -17.25
C LEU D 87 -27.29 27.11 -15.90
N VAL D 88 -26.20 27.76 -15.52
CA VAL D 88 -26.12 28.50 -14.26
C VAL D 88 -26.02 30.02 -14.48
N GLU D 89 -25.59 30.46 -15.65
CA GLU D 89 -25.50 31.90 -15.90
C GLU D 89 -26.90 32.51 -16.12
N VAL D 90 -27.93 31.67 -16.12
CA VAL D 90 -29.29 32.17 -16.24
C VAL D 90 -29.74 32.55 -14.81
N VAL D 91 -28.79 32.52 -13.88
CA VAL D 91 -29.07 32.86 -12.49
C VAL D 91 -28.16 33.96 -11.93
N GLN D 92 -27.64 34.82 -12.81
CA GLN D 92 -26.94 36.04 -12.41
C GLN D 92 -26.73 36.97 -13.60
#